data_3N7O
#
_entry.id   3N7O
#
_cell.length_a   124.475
_cell.length_b   124.475
_cell.length_c   124.475
_cell.angle_alpha   90.00
_cell.angle_beta   90.00
_cell.angle_gamma   90.00
#
_symmetry.space_group_name_H-M   'I 2 3'
#
loop_
_entity.id
_entity.type
_entity.pdbx_description
1 polymer Chymase
2 branched 2-acetamido-2-deoxy-beta-D-glucopyranose-(1-4)-2-acetamido-2-deoxy-beta-D-glucopyranose
3 non-polymer '(S)-[(1S)-1-(5-chloro-1-benzothiophen-3-yl)-2-{[(E)-2-(3,4-difluorophenyl)ethenyl]amino}-2-oxoethyl]methylphosphinic acid'
4 non-polymer 'UNKNOWN LIGAND'
5 water water
#
_entity_poly.entity_id   1
_entity_poly.type   'polypeptide(L)'
_entity_poly.pdbx_seq_one_letter_code
;IIGGTECKPHSRPYMAYLEIVTSNGPSKFCGGFLIRRNFVLTAAHCAGRSITVTLGAHNITEEEDTWQKLEVIKQFRHPK
YNTSTLHHDIMLLKLKEKASLTLAVGTLPFPSQFNFVPPGRMCRVAGWGRTGVLKPGSDTLQEVKLRLMDPQACSHFRDF
DHNLQLCVGNPRKTKSAFKGDSGGPLLCAGAAQGIVSYGRSDAKPPAVFTRISHYQPWINQILQAN
;
_entity_poly.pdbx_strand_id   A
#
# COMPACT_ATOMS: atom_id res chain seq x y z
N ILE A 1 -4.84 -4.46 9.17
CA ILE A 1 -5.25 -3.21 9.83
C ILE A 1 -5.67 -3.52 11.28
N ILE A 2 -5.13 -2.75 12.23
CA ILE A 2 -5.48 -2.95 13.64
C ILE A 2 -6.30 -1.77 14.15
N GLY A 3 -7.40 -2.08 14.84
CA GLY A 3 -8.26 -1.05 15.40
C GLY A 3 -9.10 -0.29 14.38
N GLY A 4 -9.31 -0.91 13.23
CA GLY A 4 -10.05 -0.26 12.17
C GLY A 4 -11.48 -0.78 12.07
N THR A 5 -12.15 -0.43 10.98
CA THR A 5 -13.51 -0.88 10.74
C THR A 5 -13.59 -1.45 9.34
N GLU A 6 -14.60 -2.27 9.08
CA GLU A 6 -14.80 -2.78 7.73
C GLU A 6 -15.16 -1.65 6.78
N CYS A 7 -14.53 -1.61 5.61
CA CYS A 7 -14.89 -0.62 4.63
C CYS A 7 -16.29 -0.85 4.10
N LYS A 8 -16.96 0.22 3.69
CA LYS A 8 -18.14 0.08 2.87
C LYS A 8 -17.69 -0.61 1.58
N PRO A 9 -18.33 -1.72 1.21
CA PRO A 9 -17.83 -2.42 0.03
C PRO A 9 -17.73 -1.54 -1.21
N HIS A 10 -16.58 -1.62 -1.87
CA HIS A 10 -16.33 -0.93 -3.13
C HIS A 10 -16.25 0.58 -2.99
N SER A 11 -16.15 1.07 -1.76
CA SER A 11 -16.04 2.51 -1.54
C SER A 11 -14.62 3.03 -1.78
N ARG A 12 -13.68 2.11 -1.98
CA ARG A 12 -12.29 2.48 -2.27
C ARG A 12 -11.83 1.73 -3.54
N PRO A 13 -12.34 2.16 -4.69
CA PRO A 13 -12.29 1.36 -5.91
C PRO A 13 -10.90 1.26 -6.52
N TYR A 14 -9.94 2.01 -5.99
CA TYR A 14 -8.56 1.95 -6.47
C TYR A 14 -7.79 0.83 -5.77
N MET A 15 -8.36 0.23 -4.73
CA MET A 15 -7.62 -0.76 -3.95
C MET A 15 -7.30 -2.02 -4.74
N ALA A 16 -6.06 -2.46 -4.67
CA ALA A 16 -5.65 -3.71 -5.33
C ALA A 16 -5.20 -4.71 -4.29
N TYR A 17 -5.58 -5.98 -4.47
CA TYR A 17 -5.08 -7.06 -3.64
C TYR A 17 -4.07 -7.83 -4.49
N LEU A 18 -2.87 -8.02 -3.95
CA LEU A 18 -1.78 -8.66 -4.71
C LEU A 18 -1.51 -10.05 -4.19
N GLU A 19 -1.57 -11.04 -5.08
CA GLU A 19 -1.09 -12.38 -4.78
C GLU A 19 0.26 -12.55 -5.42
N ILE A 20 1.26 -12.88 -4.62
CA ILE A 20 2.64 -12.88 -5.06
C ILE A 20 3.25 -14.26 -4.88
N VAL A 21 3.79 -14.80 -5.95
CA VAL A 21 4.62 -15.99 -5.83
C VAL A 21 6.04 -15.53 -5.68
N THR A 22 6.63 -15.77 -4.51
CA THR A 22 8.00 -15.34 -4.29
C THR A 22 8.93 -16.23 -5.11
N SER A 23 10.16 -15.78 -5.30
CA SER A 23 11.16 -16.51 -6.07
C SER A 23 11.29 -17.98 -5.60
N ASN A 24 11.28 -18.18 -4.29
CA ASN A 24 11.38 -19.52 -3.69
C ASN A 24 10.13 -20.37 -3.88
N GLY A 25 8.98 -19.73 -4.02
CA GLY A 25 7.73 -20.45 -4.21
C GLY A 25 6.63 -20.02 -3.24
N PRO A 26 6.97 -19.84 -1.95
CA PRO A 26 5.89 -19.55 -1.00
C PRO A 26 5.12 -18.27 -1.39
N SER A 27 3.81 -18.27 -1.16
CA SER A 27 2.99 -17.15 -1.59
C SER A 27 2.96 -16.06 -0.51
N LYS A 28 2.73 -14.83 -0.94
CA LYS A 28 2.66 -13.69 -0.03
C LYS A 28 1.53 -12.83 -0.57
N PHE A 29 0.92 -12.01 0.29
CA PHE A 29 -0.04 -11.04 -0.23
C PHE A 29 0.32 -9.64 0.22
N CYS A 30 -0.10 -8.65 -0.58
CA CYS A 30 0.15 -7.25 -0.28
C CYS A 30 -1.04 -6.46 -0.76
N GLY A 31 -1.11 -5.20 -0.35
CA GLY A 31 -2.04 -4.26 -0.96
C GLY A 31 -1.34 -3.50 -2.08
N GLY A 32 -2.09 -2.70 -2.80
CA GLY A 32 -1.54 -1.81 -3.80
C GLY A 32 -2.68 -0.92 -4.24
N PHE A 33 -2.43 -0.07 -5.23
CA PHE A 33 -3.51 0.77 -5.72
C PHE A 33 -3.34 1.11 -7.19
N LEU A 34 -4.47 1.19 -7.89
CA LEU A 34 -4.49 1.45 -9.33
C LEU A 34 -4.28 2.94 -9.59
N ILE A 35 -3.27 3.26 -10.40
CA ILE A 35 -2.99 4.67 -10.75
C ILE A 35 -3.19 4.99 -12.23
N ARG A 36 -3.14 3.97 -13.08
CA ARG A 36 -3.54 4.07 -14.48
C ARG A 36 -4.30 2.80 -14.76
N ARG A 37 -5.02 2.74 -15.88
CA ARG A 37 -5.76 1.53 -16.18
C ARG A 37 -4.87 0.28 -16.19
N ASN A 38 -3.62 0.43 -16.57
CA ASN A 38 -2.70 -0.70 -16.61
C ASN A 38 -1.47 -0.56 -15.71
N PHE A 39 -1.56 0.27 -14.67
CA PHE A 39 -0.48 0.37 -13.70
C PHE A 39 -0.97 0.37 -12.25
N VAL A 40 -0.35 -0.48 -11.44
CA VAL A 40 -0.61 -0.50 -10.01
C VAL A 40 0.63 -0.06 -9.28
N LEU A 41 0.46 0.73 -8.21
CA LEU A 41 1.56 1.14 -7.37
C LEU A 41 1.50 0.33 -6.08
N THR A 42 2.67 -0.08 -5.58
CA THR A 42 2.74 -0.94 -4.40
C THR A 42 4.14 -0.81 -3.81
N ALA A 43 4.46 -1.64 -2.81
CA ALA A 43 5.78 -1.62 -2.19
C ALA A 43 6.71 -2.57 -2.93
N ALA A 44 7.98 -2.20 -3.04
CA ALA A 44 8.99 -3.04 -3.70
C ALA A 44 9.27 -4.36 -2.98
N HIS A 45 9.09 -4.40 -1.66
CA HIS A 45 9.37 -5.65 -0.96
C HIS A 45 8.29 -6.68 -1.25
N CYS A 46 7.27 -6.29 -2.00
CA CYS A 46 6.21 -7.19 -2.42
C CYS A 46 6.50 -7.85 -3.78
N ALA A 47 7.71 -7.65 -4.29
CA ALA A 47 8.09 -8.22 -5.59
C ALA A 47 8.19 -9.73 -5.48
N GLY A 48 8.03 -10.42 -6.60
CA GLY A 48 8.15 -11.87 -6.58
C GLY A 48 8.43 -12.39 -7.97
N ARG A 49 8.34 -13.71 -8.13
CA ARG A 49 8.50 -14.27 -9.46
C ARG A 49 7.32 -13.93 -10.35
N SER A 50 6.12 -13.89 -9.76
CA SER A 50 4.94 -13.51 -10.52
C SER A 50 3.90 -12.92 -9.58
N ILE A 51 3.05 -12.06 -10.14
CA ILE A 51 2.07 -11.37 -9.33
C ILE A 51 0.77 -11.30 -10.09
N THR A 52 -0.32 -11.51 -9.37
CA THR A 52 -1.66 -11.31 -9.92
C THR A 52 -2.35 -10.25 -9.08
N VAL A 53 -3.05 -9.32 -9.74
CA VAL A 53 -3.76 -8.28 -8.97
C VAL A 53 -5.26 -8.50 -9.07
N THR A 54 -5.96 -8.34 -7.96
CA THR A 54 -7.42 -8.38 -7.96
C THR A 54 -7.97 -7.00 -7.61
N LEU A 55 -8.70 -6.42 -8.56
CA LEU A 55 -9.35 -5.11 -8.43
C LEU A 55 -10.83 -5.34 -8.23
N GLY A 56 -11.52 -4.39 -7.61
CA GLY A 56 -12.96 -4.48 -7.43
C GLY A 56 -13.41 -5.40 -6.29
N ALA A 57 -12.48 -5.76 -5.41
CA ALA A 57 -12.79 -6.74 -4.35
C ALA A 57 -13.20 -6.10 -3.04
N HIS A 58 -13.97 -6.85 -2.27
CA HIS A 58 -14.18 -6.52 -0.86
C HIS A 58 -13.81 -7.68 0.05
N ASN A 59 -14.58 -8.77 -0.03
CA ASN A 59 -14.22 -10.00 0.64
C ASN A 59 -13.33 -10.78 -0.33
N ILE A 60 -12.05 -10.92 -0.01
CA ILE A 60 -11.09 -11.43 -0.98
C ILE A 60 -11.18 -12.95 -1.15
N THR A 61 -11.98 -13.61 -0.32
CA THR A 61 -12.16 -15.05 -0.45
C THR A 61 -13.40 -15.40 -1.27
N GLU A 62 -14.11 -14.38 -1.74
CA GLU A 62 -15.39 -14.59 -2.43
C GLU A 62 -15.58 -13.66 -3.61
N GLU A 63 -15.55 -14.24 -4.81
CA GLU A 63 -15.61 -13.44 -6.02
C GLU A 63 -16.94 -12.72 -6.14
N GLU A 64 -16.91 -11.55 -6.76
CA GLU A 64 -18.11 -10.78 -7.09
C GLU A 64 -18.00 -10.39 -8.55
N ASP A 65 -19.09 -9.92 -9.17
CA ASP A 65 -19.04 -9.56 -10.58
C ASP A 65 -18.29 -8.23 -10.84
N THR A 66 -17.92 -7.54 -9.76
CA THR A 66 -17.11 -6.34 -9.85
C THR A 66 -15.63 -6.66 -10.01
N TRP A 67 -15.26 -7.92 -9.76
CA TRP A 67 -13.85 -8.32 -9.80
C TRP A 67 -13.23 -8.19 -11.18
N GLN A 68 -12.00 -7.69 -11.19
CA GLN A 68 -11.14 -7.78 -12.36
C GLN A 68 -9.79 -8.28 -11.88
N LYS A 69 -9.44 -9.50 -12.28
CA LYS A 69 -8.22 -10.13 -11.86
C LYS A 69 -7.27 -10.08 -13.06
N LEU A 70 -6.14 -9.41 -12.90
CA LEU A 70 -5.22 -9.20 -14.02
C LEU A 70 -3.82 -9.65 -13.65
N GLU A 71 -3.16 -10.31 -14.60
CA GLU A 71 -1.77 -10.68 -14.41
C GLU A 71 -0.88 -9.46 -14.59
N VAL A 72 0.22 -9.44 -13.84
CA VAL A 72 1.25 -8.42 -13.99
C VAL A 72 2.23 -8.90 -15.06
N ILE A 73 2.47 -8.07 -16.07
CA ILE A 73 3.41 -8.41 -17.15
C ILE A 73 4.84 -7.92 -16.84
N LYS A 74 4.96 -6.90 -16.01
CA LYS A 74 6.30 -6.41 -15.65
C LYS A 74 6.30 -5.71 -14.31
N GLN A 75 7.34 -5.98 -13.53
CA GLN A 75 7.55 -5.31 -12.25
C GLN A 75 8.70 -4.32 -12.39
N PHE A 76 8.48 -3.11 -11.88
CA PHE A 76 9.50 -2.08 -11.90
C PHE A 76 9.81 -1.67 -10.46
N ARG A 77 10.72 -2.36 -9.79
CA ARG A 77 11.15 -1.96 -8.46
C ARG A 77 12.01 -0.72 -8.58
N HIS A 78 11.87 0.20 -7.63
CA HIS A 78 12.79 1.33 -7.62
C HIS A 78 14.24 0.84 -7.66
N PRO A 79 15.05 1.44 -8.54
CA PRO A 79 16.45 1.01 -8.72
C PRO A 79 17.31 1.09 -7.46
N LYS A 80 16.94 1.93 -6.50
CA LYS A 80 17.75 2.05 -5.29
C LYS A 80 17.20 1.25 -4.11
N TYR A 81 16.15 0.49 -4.34
CA TYR A 81 15.60 -0.42 -3.33
C TYR A 81 16.73 -1.05 -2.54
N ASN A 82 16.68 -0.92 -1.21
CA ASN A 82 17.83 -1.26 -0.37
C ASN A 82 17.44 -2.07 0.86
N THR A 83 17.80 -3.35 0.88
CA THR A 83 17.40 -4.22 1.99
C THR A 83 18.22 -3.99 3.27
N SER A 84 19.25 -3.16 3.22
CA SER A 84 19.97 -2.82 4.43
C SER A 84 19.33 -1.63 5.16
N THR A 85 18.94 -0.62 4.41
CA THR A 85 18.39 0.60 5.01
C THR A 85 16.87 0.58 5.00
N LEU A 86 16.31 -0.30 4.16
CA LEU A 86 14.87 -0.40 3.91
C LEU A 86 14.32 0.80 3.13
N HIS A 87 15.22 1.55 2.51
CA HIS A 87 14.80 2.68 1.70
C HIS A 87 14.31 2.30 0.32
N HIS A 88 13.50 3.21 -0.24
CA HIS A 88 13.03 3.16 -1.61
C HIS A 88 12.12 1.97 -1.84
N ASP A 89 11.23 1.74 -0.87
CA ASP A 89 10.31 0.60 -0.94
C ASP A 89 9.10 0.98 -1.79
N ILE A 90 9.27 1.00 -3.10
CA ILE A 90 8.20 1.40 -3.99
C ILE A 90 8.40 0.70 -5.32
N MET A 91 7.29 0.30 -5.94
CA MET A 91 7.32 -0.49 -7.16
C MET A 91 6.09 -0.24 -8.01
N LEU A 92 6.29 -0.13 -9.33
CA LEU A 92 5.18 -0.06 -10.25
C LEU A 92 4.98 -1.41 -10.91
N LEU A 93 3.72 -1.78 -11.10
CA LEU A 93 3.37 -3.03 -11.78
C LEU A 93 2.60 -2.69 -13.05
N LYS A 94 3.10 -3.14 -14.21
CA LYS A 94 2.29 -3.00 -15.42
C LYS A 94 1.40 -4.23 -15.57
N LEU A 95 0.11 -4.00 -15.75
CA LEU A 95 -0.85 -5.09 -15.91
C LEU A 95 -0.83 -5.55 -17.37
N LYS A 96 -1.09 -6.83 -17.59
CA LYS A 96 -1.01 -7.43 -18.92
C LYS A 96 -2.04 -6.79 -19.85
N GLU A 97 -3.19 -6.41 -19.30
CA GLU A 97 -4.22 -5.66 -20.00
C GLU A 97 -4.72 -4.48 -19.16
N LYS A 98 -5.39 -3.54 -19.81
CA LYS A 98 -5.95 -2.40 -19.09
C LYS A 98 -7.21 -2.83 -18.36
N ALA A 99 -7.33 -2.41 -17.10
CA ALA A 99 -8.55 -2.65 -16.35
C ALA A 99 -9.63 -1.77 -16.94
N SER A 100 -10.88 -2.16 -16.80
CA SER A 100 -12.01 -1.33 -17.21
C SER A 100 -12.44 -0.47 -16.03
N LEU A 101 -12.51 0.84 -16.25
CA LEU A 101 -12.96 1.73 -15.20
C LEU A 101 -14.45 1.56 -15.01
N THR A 102 -14.83 1.23 -13.77
CA THR A 102 -16.22 1.00 -13.42
C THR A 102 -16.48 1.67 -12.08
N LEU A 103 -17.68 1.50 -11.54
CA LEU A 103 -17.96 2.09 -10.23
C LEU A 103 -17.09 1.43 -9.15
N ALA A 104 -16.78 0.15 -9.35
CA ALA A 104 -16.02 -0.61 -8.36
C ALA A 104 -14.52 -0.60 -8.61
N VAL A 105 -14.11 -0.14 -9.79
CA VAL A 105 -12.69 -0.14 -10.14
C VAL A 105 -12.33 1.22 -10.74
N GLY A 106 -11.44 1.94 -10.07
CA GLY A 106 -11.06 3.26 -10.53
C GLY A 106 -9.64 3.60 -10.11
N THR A 107 -9.13 4.73 -10.60
CA THR A 107 -7.78 5.14 -10.29
C THR A 107 -7.72 6.13 -9.14
N LEU A 108 -6.56 6.21 -8.50
CA LEU A 108 -6.33 7.12 -7.38
C LEU A 108 -5.37 8.24 -7.82
N PRO A 109 -5.81 9.50 -7.68
CA PRO A 109 -5.00 10.65 -8.09
C PRO A 109 -3.80 10.90 -7.18
N PHE A 110 -2.78 11.53 -7.75
CA PHE A 110 -1.64 11.99 -6.97
C PHE A 110 -1.89 13.44 -6.57
N PRO A 111 -1.16 13.92 -5.56
CA PRO A 111 -1.23 15.34 -5.19
C PRO A 111 -0.19 16.14 -5.97
N SER A 112 -0.07 17.43 -5.65
CA SER A 112 0.93 18.36 -6.20
C SER A 112 0.27 19.57 -6.85
N PHE A 116 -0.21 20.29 0.73
CA PHE A 116 0.53 20.48 1.97
C PHE A 116 -0.06 19.62 3.08
N VAL A 117 0.68 18.57 3.45
CA VAL A 117 0.29 17.69 4.54
C VAL A 117 1.44 17.59 5.56
N PRO A 118 1.38 18.40 6.63
CA PRO A 118 2.43 18.31 7.62
C PRO A 118 2.08 17.29 8.70
N PRO A 119 3.05 16.97 9.59
CA PRO A 119 2.70 16.14 10.74
C PRO A 119 1.46 16.68 11.42
N GLY A 120 0.65 15.80 11.99
CA GLY A 120 -0.58 16.20 12.64
C GLY A 120 -1.82 15.91 11.83
N ARG A 121 -1.70 15.87 10.50
CA ARG A 121 -2.85 15.59 9.64
C ARG A 121 -3.38 14.20 9.90
N MET A 122 -4.69 14.03 9.77
CA MET A 122 -5.32 12.72 9.91
C MET A 122 -5.46 12.10 8.54
N CYS A 123 -5.04 10.84 8.41
CA CYS A 123 -5.05 10.15 7.13
C CYS A 123 -5.81 8.83 7.26
N ARG A 124 -6.10 8.18 6.15
CA ARG A 124 -6.72 6.87 6.20
C ARG A 124 -5.90 5.85 5.42
N VAL A 125 -5.88 4.63 5.94
CA VAL A 125 -5.24 3.52 5.23
C VAL A 125 -6.16 2.31 5.25
N ALA A 126 -6.23 1.60 4.13
CA ALA A 126 -7.08 0.43 4.02
C ALA A 126 -6.22 -0.78 3.68
N GLY A 127 -6.65 -1.96 4.08
CA GLY A 127 -5.93 -3.17 3.66
C GLY A 127 -6.59 -4.44 4.13
N TRP A 128 -6.05 -5.57 3.67
CA TRP A 128 -6.51 -6.89 4.06
C TRP A 128 -5.51 -7.56 5.00
N GLY A 129 -4.62 -6.76 5.62
CA GLY A 129 -3.61 -7.31 6.50
C GLY A 129 -4.13 -7.87 7.82
N ARG A 130 -3.25 -8.48 8.60
CA ARG A 130 -3.61 -9.01 9.91
C ARG A 130 -4.26 -7.95 10.81
N THR A 131 -5.23 -8.37 11.62
CA THR A 131 -5.98 -7.44 12.47
C THR A 131 -5.46 -7.46 13.91
N GLY A 132 -4.34 -8.15 14.10
CA GLY A 132 -3.68 -8.20 15.39
C GLY A 132 -2.47 -9.08 15.27
N VAL A 133 -1.64 -9.08 16.31
CA VAL A 133 -0.39 -9.83 16.28
C VAL A 133 -0.59 -11.33 16.07
N LEU A 134 -1.61 -11.91 16.69
CA LEU A 134 -1.83 -13.33 16.49
C LEU A 134 -3.08 -13.61 15.67
N LYS A 135 -3.39 -12.70 14.75
CA LYS A 135 -4.59 -12.83 13.95
C LYS A 135 -4.23 -13.06 12.49
N PRO A 136 -5.14 -13.69 11.74
CA PRO A 136 -4.94 -13.92 10.30
C PRO A 136 -5.22 -12.63 9.56
N GLY A 137 -4.87 -12.57 8.27
CA GLY A 137 -5.27 -11.45 7.44
C GLY A 137 -6.79 -11.37 7.46
N SER A 138 -7.33 -10.18 7.19
CA SER A 138 -8.77 -9.98 7.17
C SER A 138 -9.36 -10.43 5.84
N ASP A 139 -10.48 -11.14 5.83
CA ASP A 139 -11.07 -11.47 4.53
C ASP A 139 -11.70 -10.25 3.86
N THR A 140 -12.23 -9.32 4.67
CA THR A 140 -12.81 -8.10 4.13
C THR A 140 -11.84 -6.92 4.23
N LEU A 141 -11.94 -6.01 3.29
CA LEU A 141 -11.13 -4.80 3.31
C LEU A 141 -11.48 -3.97 4.56
N GLN A 142 -10.45 -3.59 5.32
CA GLN A 142 -10.61 -2.82 6.54
C GLN A 142 -9.96 -1.44 6.35
N GLU A 143 -10.40 -0.44 7.11
CA GLU A 143 -9.73 0.85 7.06
C GLU A 143 -9.59 1.45 8.45
N VAL A 144 -8.60 2.32 8.61
CA VAL A 144 -8.38 2.96 9.89
C VAL A 144 -7.89 4.38 9.68
N LYS A 145 -8.26 5.27 10.60
CA LYS A 145 -7.78 6.65 10.54
C LYS A 145 -6.55 6.79 11.43
N LEU A 146 -5.47 7.33 10.86
CA LEU A 146 -4.18 7.40 11.55
C LEU A 146 -3.59 8.79 11.44
N ARG A 147 -2.90 9.20 12.50
CA ARG A 147 -2.26 10.50 12.54
C ARG A 147 -0.90 10.40 11.89
N LEU A 148 -0.63 11.33 10.97
CA LEU A 148 0.71 11.50 10.45
C LEU A 148 1.53 12.12 11.58
N MET A 149 2.61 11.46 11.97
CA MET A 149 3.42 11.90 13.10
C MET A 149 4.61 12.71 12.63
N ASP A 150 5.18 13.51 13.52
CA ASP A 150 6.46 14.12 13.25
C ASP A 150 7.47 13.00 12.98
N PRO A 151 8.41 13.22 12.04
CA PRO A 151 9.42 12.19 11.78
C PRO A 151 10.18 11.80 13.04
N GLN A 152 10.28 12.69 14.02
CA GLN A 152 10.97 12.34 15.25
C GLN A 152 10.28 11.21 16.01
N ALA A 153 8.99 11.00 15.75
CA ALA A 153 8.26 9.91 16.41
C ALA A 153 8.72 8.54 15.92
N CYS A 154 9.46 8.53 14.81
CA CYS A 154 9.99 7.28 14.26
C CYS A 154 11.51 7.19 14.44
N SER A 155 12.05 7.96 15.38
CA SER A 155 13.50 8.01 15.54
C SER A 155 14.07 6.68 16.05
N HIS A 156 13.22 5.81 16.60
CA HIS A 156 13.68 4.49 17.03
C HIS A 156 13.88 3.53 15.87
N PHE A 157 13.36 3.89 14.69
CA PHE A 157 13.58 3.07 13.50
C PHE A 157 14.91 3.47 12.85
N ARG A 158 15.89 2.58 12.90
CA ARG A 158 17.18 2.83 12.26
C ARG A 158 17.00 3.25 10.80
N ASP A 159 17.72 4.29 10.40
CA ASP A 159 17.73 4.76 9.03
C ASP A 159 16.47 5.48 8.55
N PHE A 160 15.49 5.68 9.43
CA PHE A 160 14.34 6.48 9.02
C PHE A 160 14.78 7.83 8.46
N ASP A 161 14.26 8.17 7.29
CA ASP A 161 14.65 9.41 6.61
C ASP A 161 13.42 10.20 6.24
N HIS A 162 13.22 11.36 6.87
CA HIS A 162 11.98 12.12 6.68
C HIS A 162 11.73 12.54 5.22
N ASN A 163 12.79 12.63 4.42
CA ASN A 163 12.62 12.96 3.01
C ASN A 163 11.99 11.81 2.22
N LEU A 164 12.25 10.60 2.67
CA LEU A 164 11.90 9.41 1.89
C LEU A 164 10.67 8.72 2.44
N GLN A 165 10.41 8.96 3.72
CA GLN A 165 9.44 8.16 4.47
C GLN A 165 8.50 9.00 5.31
N LEU A 166 7.33 8.43 5.59
CA LEU A 166 6.38 9.03 6.53
C LEU A 166 6.30 8.17 7.79
N CYS A 167 6.04 8.83 8.92
CA CYS A 167 5.85 8.18 10.21
C CYS A 167 4.35 8.21 10.53
N VAL A 168 3.71 7.05 10.66
CA VAL A 168 2.25 7.02 10.66
C VAL A 168 1.68 6.20 11.82
N GLY A 169 0.81 6.82 12.61
CA GLY A 169 0.16 6.14 13.72
C GLY A 169 0.61 6.64 15.09
N ASN A 170 -0.35 7.18 15.83
CA ASN A 170 -0.12 7.66 17.20
C ASN A 170 0.35 6.54 18.12
N PRO A 171 1.53 6.68 18.74
CA PRO A 171 2.06 5.58 19.56
C PRO A 171 1.26 5.37 20.85
N ARG A 172 0.43 6.33 21.20
CA ARG A 172 -0.35 6.25 22.43
C ARG A 172 -1.67 5.53 22.21
N LYS A 173 -1.87 5.03 20.99
CA LYS A 173 -3.07 4.24 20.69
C LYS A 173 -2.65 2.97 19.96
N THR A 174 -3.58 2.03 19.83
CA THR A 174 -3.21 0.74 19.24
C THR A 174 -3.49 0.68 17.73
N LYS A 175 -4.22 1.66 17.21
CA LYS A 175 -4.59 1.69 15.80
C LYS A 175 -3.34 1.73 14.91
N SER A 176 -3.30 0.91 13.88
CA SER A 176 -2.09 0.83 13.05
C SER A 176 -2.30 0.02 11.77
N ALA A 177 -1.57 0.37 10.71
CA ALA A 177 -1.36 -0.59 9.62
C ALA A 177 -0.55 -1.74 10.19
N PHE A 178 -0.66 -2.92 9.60
CA PHE A 178 0.08 -4.08 10.09
C PHE A 178 0.44 -5.06 8.96
N LYS A 179 0.92 -6.25 9.31
CA LYS A 179 1.44 -7.20 8.31
C LYS A 179 0.40 -7.53 7.24
N GLY A 180 0.78 -7.35 5.97
CA GLY A 180 -0.12 -7.61 4.86
C GLY A 180 -0.82 -6.37 4.30
N ASP A 181 -0.75 -5.27 5.05
CA ASP A 181 -1.26 -3.98 4.57
C ASP A 181 -0.20 -3.31 3.68
N SER A 182 1.03 -3.83 3.71
CA SER A 182 2.12 -3.29 2.90
C SER A 182 1.70 -3.07 1.45
N GLY A 183 2.10 -1.95 0.86
CA GLY A 183 1.75 -1.64 -0.52
C GLY A 183 0.49 -0.81 -0.69
N GLY A 184 -0.36 -0.79 0.33
CA GLY A 184 -1.57 0.00 0.31
C GLY A 184 -1.28 1.48 0.46
N PRO A 185 -2.18 2.34 -0.03
CA PRO A 185 -1.97 3.79 0.01
C PRO A 185 -2.40 4.41 1.34
N LEU A 186 -1.69 5.46 1.75
CA LEU A 186 -2.13 6.34 2.82
C LEU A 186 -2.79 7.50 2.12
N LEU A 187 -4.06 7.74 2.41
CA LEU A 187 -4.81 8.80 1.78
C LEU A 187 -4.97 9.95 2.75
N CYS A 188 -4.55 11.14 2.33
CA CYS A 188 -4.77 12.34 3.11
C CYS A 188 -5.42 13.34 2.17
N ALA A 189 -6.61 13.82 2.53
CA ALA A 189 -7.35 14.75 1.67
C ALA A 189 -7.52 14.22 0.24
N GLY A 190 -7.92 12.95 0.13
CA GLY A 190 -8.24 12.36 -1.15
C GLY A 190 -7.09 12.12 -2.10
N ALA A 191 -5.86 12.30 -1.64
CA ALA A 191 -4.70 12.07 -2.50
C ALA A 191 -3.78 11.02 -1.89
N ALA A 192 -3.17 10.20 -2.73
CA ALA A 192 -2.18 9.25 -2.28
C ALA A 192 -0.94 9.97 -1.76
N GLN A 193 -0.64 9.82 -0.46
CA GLN A 193 0.51 10.49 0.15
C GLN A 193 1.59 9.50 0.53
N GLY A 194 1.21 8.26 0.80
CA GLY A 194 2.19 7.29 1.23
C GLY A 194 1.86 5.86 0.81
N ILE A 195 2.82 4.98 1.00
CA ILE A 195 2.66 3.54 0.74
C ILE A 195 3.09 2.76 1.99
N VAL A 196 2.24 1.88 2.50
CA VAL A 196 2.59 1.13 3.70
C VAL A 196 3.90 0.37 3.46
N SER A 197 4.87 0.51 4.35
CA SER A 197 6.16 -0.19 4.14
C SER A 197 6.51 -1.23 5.22
N TYR A 198 6.71 -0.79 6.45
CA TYR A 198 7.06 -1.71 7.52
C TYR A 198 6.76 -1.12 8.89
N GLY A 199 6.96 -1.93 9.92
CA GLY A 199 6.72 -1.50 11.28
C GLY A 199 7.23 -2.55 12.26
N ARG A 200 6.80 -2.44 13.50
CA ARG A 200 7.23 -3.36 14.54
C ARG A 200 6.44 -4.66 14.45
N SER A 201 7.12 -5.77 14.68
CA SER A 201 6.45 -7.08 14.71
C SER A 201 5.36 -7.15 15.77
N ASP A 202 5.53 -6.38 16.85
CA ASP A 202 4.56 -6.40 17.94
C ASP A 202 3.41 -5.42 17.75
N ALA A 203 3.34 -4.83 16.56
CA ALA A 203 2.20 -4.00 16.15
C ALA A 203 2.07 -2.64 16.84
N LYS A 204 3.04 -2.26 17.66
CA LYS A 204 2.98 -0.94 18.29
C LYS A 204 3.32 0.16 17.28
N PRO A 205 2.37 1.07 17.01
CA PRO A 205 2.61 2.21 16.10
C PRO A 205 3.61 3.16 16.73
N PRO A 206 4.24 4.02 15.91
CA PRO A 206 3.96 4.20 14.48
C PRO A 206 4.60 3.16 13.55
N ALA A 207 4.09 3.11 12.32
CA ALA A 207 4.70 2.35 11.25
C ALA A 207 5.31 3.30 10.23
N VAL A 208 6.11 2.75 9.33
CA VAL A 208 6.88 3.54 8.37
C VAL A 208 6.27 3.35 6.98
N PHE A 209 6.05 4.47 6.29
CA PHE A 209 5.44 4.45 4.96
C PHE A 209 6.40 5.13 4.01
N THR A 210 6.33 4.76 2.73
CA THR A 210 7.11 5.45 1.71
C THR A 210 6.43 6.78 1.41
N ARG A 211 7.20 7.87 1.32
CA ARG A 211 6.62 9.17 0.98
C ARG A 211 6.46 9.32 -0.53
N ILE A 212 5.22 9.35 -1.01
CA ILE A 212 4.99 9.28 -2.44
C ILE A 212 5.55 10.50 -3.18
N SER A 213 5.36 11.68 -2.61
CA SER A 213 5.76 12.92 -3.30
C SER A 213 7.21 12.86 -3.79
N HIS A 214 8.09 12.27 -2.98
CA HIS A 214 9.51 12.17 -3.29
C HIS A 214 9.78 11.36 -4.56
N TYR A 215 8.88 10.46 -4.88
CA TYR A 215 9.09 9.51 -5.97
C TYR A 215 8.27 9.84 -7.21
N GLN A 216 7.52 10.94 -7.18
CA GLN A 216 6.66 11.22 -8.33
C GLN A 216 7.45 11.37 -9.64
N PRO A 217 8.62 12.04 -9.59
CA PRO A 217 9.37 12.11 -10.85
C PRO A 217 9.79 10.72 -11.39
N TRP A 218 10.15 9.80 -10.50
CA TRP A 218 10.45 8.43 -10.93
C TRP A 218 9.22 7.72 -11.49
N ILE A 219 8.08 7.83 -10.80
CA ILE A 219 6.84 7.29 -11.34
C ILE A 219 6.59 7.86 -12.73
N ASN A 220 6.76 9.17 -12.92
CA ASN A 220 6.52 9.75 -14.23
C ASN A 220 7.49 9.23 -15.29
N GLN A 221 8.74 9.03 -14.88
CA GLN A 221 9.76 8.47 -15.76
C GLN A 221 9.33 7.10 -16.28
N ILE A 222 8.92 6.23 -15.36
CA ILE A 222 8.46 4.89 -15.74
C ILE A 222 7.23 4.93 -16.64
N LEU A 223 6.23 5.73 -16.26
CA LEU A 223 5.02 5.81 -17.05
C LEU A 223 5.30 6.33 -18.47
N GLN A 224 6.17 7.32 -18.58
CA GLN A 224 6.40 7.98 -19.87
C GLN A 224 7.16 7.06 -20.84
N ALA A 225 7.89 6.09 -20.28
CA ALA A 225 8.64 5.13 -21.08
C ALA A 225 7.82 3.89 -21.38
N ASN A 226 6.55 3.88 -20.95
CA ASN A 226 5.68 2.74 -21.23
C ASN A 226 4.44 3.10 -22.06
#